data_4RTL
#
_entry.id   4RTL
#
_cell.length_a   38.333
_cell.length_b   66.296
_cell.length_c   149.241
_cell.angle_alpha   90.00
_cell.angle_beta   90.00
_cell.angle_gamma   90.00
#
_symmetry.space_group_name_H-M   'P 21 21 21'
#
loop_
_entity.id
_entity.type
_entity.pdbx_description
1 polymer 'DNA adenine methylase'
2 polymer "DNA (5'-D(*TP*CP*TP*AP*AP*AP*GP*AP*TP*CP*G)-3')"
3 polymer "DNA (5'-D(*AP*CP*GP*AP*TP*CP*TP*TP*TP*AP*G)-3')"
4 non-polymer SINEFUNGIN
5 water water
#
loop_
_entity_poly.entity_id
_entity_poly.type
_entity_poly.pdbx_seq_one_letter_code
_entity_poly.pdbx_strand_id
1 'polypeptide(L)'
;MGSSHHHHHHSSGLVPRGSHMKKNRAFLKWAGGKYPLLDDIKRHLPKGECLVEPFVGAGSVFLNTDFSRYILADINSDLI
SLYNIVKMRTDEYVQAARELFVPETNCAEVYYQFREEFNKSQDPFRRAVLFLYLNRYGYNGLCRYNLRGEFNVPFGRYKK
PYFPEAELYHFAEKAQNAFFYCESYADSMARADDSSVVYCDPPYAPLSATANFTAYHTNSFTLEQQAHLAEIAEGLVERH
IPVLISNHDTMLTREWYQRAKLHVVKVRRSISSNGGTRKKVDELLALYKPGVVSPAKK
;
A
2 'polydeoxyribonucleotide' (DT)(DC)(DT)(DA)(DA)(DA)(DG)(DA)(DT)(DC)(DG) F
3 'polydeoxyribonucleotide' (DA)(DC)(DG)(DA)(DT)(DC)(DT)(DT)(DT)(DA)(DG) G
#
# COMPACT_ATOMS: atom_id res chain seq x y z
N LYS A 23 13.51 -11.35 -5.59
CA LYS A 23 12.09 -10.97 -5.58
C LYS A 23 11.39 -11.40 -4.29
N ASN A 24 10.90 -10.43 -3.52
CA ASN A 24 10.24 -10.70 -2.24
C ASN A 24 8.75 -10.36 -2.25
N ARG A 25 7.95 -11.18 -1.57
CA ARG A 25 6.50 -11.06 -1.58
C ARG A 25 5.92 -10.44 -0.30
N ALA A 26 4.88 -9.63 -0.44
CA ALA A 26 4.14 -9.09 0.70
C ALA A 26 3.38 -10.23 1.43
N PHE A 27 2.92 -9.99 2.66
CA PHE A 27 2.12 -11.03 3.33
C PHE A 27 0.60 -10.76 3.28
N LEU A 28 0.19 -9.63 2.70
CA LEU A 28 -1.24 -9.28 2.51
C LEU A 28 -1.69 -9.23 1.03
N LYS A 29 -2.90 -9.74 0.73
CA LYS A 29 -3.58 -9.47 -0.56
C LYS A 29 -4.03 -7.99 -0.60
N TRP A 30 -3.87 -7.28 -1.72
CA TRP A 30 -4.19 -5.82 -1.76
C TRP A 30 -4.46 -5.24 -3.16
N ALA A 31 -5.27 -4.17 -3.22
CA ALA A 31 -5.63 -3.55 -4.49
C ALA A 31 -4.53 -2.62 -5.05
N GLY A 32 -4.25 -2.77 -6.34
CA GLY A 32 -3.23 -1.97 -7.00
C GLY A 32 -1.80 -2.25 -6.57
N GLY A 33 -1.52 -3.48 -6.12
CA GLY A 33 -0.16 -3.87 -5.73
C GLY A 33 0.77 -3.83 -6.93
N LYS A 34 2.04 -3.51 -6.70
CA LYS A 34 2.96 -3.17 -7.79
C LYS A 34 4.04 -4.23 -8.13
N TYR A 35 3.94 -5.41 -7.53
CA TYR A 35 4.86 -6.53 -7.81
C TYR A 35 5.18 -6.76 -9.32
N PRO A 36 4.16 -6.73 -10.20
CA PRO A 36 4.51 -7.01 -11.61
C PRO A 36 5.20 -5.88 -12.40
N LEU A 37 5.35 -4.69 -11.81
CA LEU A 37 5.95 -3.55 -12.53
C LEU A 37 7.30 -3.09 -11.95
N LEU A 38 7.86 -3.90 -11.05
CA LEU A 38 9.04 -3.49 -10.30
C LEU A 38 10.26 -3.16 -11.20
N ASP A 39 10.43 -3.92 -12.28
CA ASP A 39 11.56 -3.72 -13.18
C ASP A 39 11.55 -2.33 -13.85
N ASP A 40 10.37 -1.86 -14.23
CA ASP A 40 10.26 -0.54 -14.87
C ASP A 40 10.42 0.60 -13.85
N ILE A 41 9.92 0.41 -12.64
CA ILE A 41 10.05 1.43 -11.59
C ILE A 41 11.52 1.65 -11.21
N LYS A 42 12.25 0.54 -11.02
CA LYS A 42 13.63 0.60 -10.57
C LYS A 42 14.58 1.15 -11.65
N ARG A 43 14.11 1.19 -12.88
CA ARG A 43 14.90 1.75 -13.97
C ARG A 43 14.97 3.27 -13.88
N HIS A 44 13.93 3.90 -13.34
CA HIS A 44 13.86 5.35 -13.34
C HIS A 44 13.94 6.01 -11.95
N LEU A 45 13.97 5.23 -10.88
CA LEU A 45 14.01 5.78 -9.52
C LEU A 45 15.43 6.20 -9.09
N PRO A 46 15.62 7.49 -8.76
CA PRO A 46 16.90 8.11 -8.34
C PRO A 46 17.47 7.58 -7.02
N LYS A 47 18.74 7.87 -6.75
CA LYS A 47 19.42 7.39 -5.55
C LYS A 47 19.52 8.44 -4.45
N GLY A 48 19.69 8.00 -3.20
CA GLY A 48 19.77 8.89 -2.05
C GLY A 48 19.73 8.16 -0.71
N GLU A 49 19.75 8.93 0.39
CA GLU A 49 19.78 8.37 1.75
C GLU A 49 18.44 7.82 2.27
N CYS A 50 17.34 8.50 1.96
CA CYS A 50 16.02 8.17 2.54
C CYS A 50 14.90 8.15 1.48
N LEU A 51 14.02 7.14 1.55
CA LEU A 51 12.85 7.04 0.66
C LEU A 51 11.52 7.28 1.40
N VAL A 52 10.65 8.12 0.80
CA VAL A 52 9.35 8.46 1.38
C VAL A 52 8.18 7.93 0.51
N GLU A 53 7.25 7.17 1.11
CA GLU A 53 6.05 6.67 0.41
C GLU A 53 4.74 7.14 1.08
N PRO A 54 4.07 8.15 0.48
CA PRO A 54 2.81 8.67 1.05
C PRO A 54 1.57 7.76 0.88
N PHE A 55 1.61 6.76 -0.01
CA PHE A 55 0.53 5.79 -0.15
C PHE A 55 1.07 4.35 -0.06
N VAL A 56 1.53 3.91 1.11
CA VAL A 56 2.36 2.68 1.15
C VAL A 56 1.60 1.37 0.84
N GLY A 57 0.38 1.20 1.33
CA GLY A 57 -0.36 -0.03 1.07
C GLY A 57 0.37 -1.27 1.58
N ALA A 58 0.46 -2.32 0.76
CA ALA A 58 1.05 -3.60 1.17
C ALA A 58 2.60 -3.64 1.11
N GLY A 59 3.21 -2.60 0.55
CA GLY A 59 4.66 -2.41 0.64
C GLY A 59 5.61 -3.11 -0.33
N SER A 60 5.18 -3.36 -1.56
CA SER A 60 6.00 -4.11 -2.53
C SER A 60 7.32 -3.41 -2.95
N VAL A 61 7.34 -2.08 -2.96
CA VAL A 61 8.54 -1.33 -3.33
C VAL A 61 9.57 -1.27 -2.17
N PHE A 62 9.08 -0.98 -0.98
CA PHE A 62 9.88 -1.00 0.26
C PHE A 62 10.62 -2.33 0.41
N LEU A 63 9.91 -3.42 0.09
CA LEU A 63 10.45 -4.77 0.24
C LEU A 63 11.48 -5.16 -0.82
N ASN A 64 11.58 -4.40 -1.90
CA ASN A 64 12.48 -4.78 -3.02
C ASN A 64 13.48 -3.68 -3.43
N THR A 65 13.84 -2.81 -2.49
CA THR A 65 14.84 -1.77 -2.73
C THR A 65 15.91 -1.82 -1.64
N ASP A 66 16.87 -0.89 -1.69
CA ASP A 66 17.97 -0.87 -0.71
C ASP A 66 18.42 0.54 -0.28
N PHE A 67 17.54 1.26 0.41
CA PHE A 67 17.88 2.55 1.02
C PHE A 67 18.31 2.36 2.48
N SER A 68 18.97 3.34 3.07
CA SER A 68 19.43 3.19 4.46
C SER A 68 18.41 3.69 5.50
N ARG A 69 17.34 4.34 5.04
CA ARG A 69 16.25 4.84 5.91
C ARG A 69 14.93 4.92 5.16
N TYR A 70 13.80 4.73 5.85
CA TYR A 70 12.47 4.84 5.24
C TYR A 70 11.47 5.62 6.11
N ILE A 71 10.59 6.38 5.46
CA ILE A 71 9.41 6.97 6.11
C ILE A 71 8.14 6.51 5.37
N LEU A 72 7.25 5.77 6.04
CA LEU A 72 6.10 5.11 5.39
C LEU A 72 4.73 5.50 6.00
N ALA A 73 3.75 5.89 5.15
CA ALA A 73 2.45 6.44 5.62
C ALA A 73 1.20 6.03 4.79
N ASP A 74 0.00 6.10 5.40
CA ASP A 74 -1.30 5.71 4.77
C ASP A 74 -2.49 6.27 5.59
N ILE A 75 -3.67 6.43 4.96
CA ILE A 75 -4.85 6.95 5.69
C ILE A 75 -5.59 5.86 6.53
N ASN A 76 -5.33 4.58 6.24
CA ASN A 76 -5.98 3.44 6.92
C ASN A 76 -5.35 3.10 8.29
N SER A 77 -6.09 3.34 9.38
CA SER A 77 -5.51 3.22 10.73
C SER A 77 -5.40 1.76 11.24
N ASP A 78 -6.24 0.86 10.74
CA ASP A 78 -6.09 -0.56 11.11
C ASP A 78 -4.78 -1.14 10.54
N LEU A 79 -4.39 -0.67 9.35
CA LEU A 79 -3.16 -1.16 8.68
C LEU A 79 -1.87 -0.70 9.39
N ILE A 80 -1.80 0.59 9.74
CA ILE A 80 -0.64 1.14 10.45
C ILE A 80 -0.43 0.53 11.86
N SER A 81 -1.52 0.25 12.59
CA SER A 81 -1.44 -0.38 13.91
C SER A 81 -0.90 -1.83 13.83
N LEU A 82 -1.33 -2.58 12.80
CA LEU A 82 -0.84 -3.95 12.55
C LEU A 82 0.68 -3.97 12.27
N TYR A 83 1.19 -2.99 11.51
CA TYR A 83 2.62 -2.93 11.19
C TYR A 83 3.50 -2.65 12.46
N ASN A 84 2.98 -1.86 13.40
CA ASN A 84 3.69 -1.62 14.67
C ASN A 84 3.79 -2.86 15.59
N ILE A 85 2.69 -3.63 15.70
CA ILE A 85 2.69 -4.89 16.44
C ILE A 85 3.66 -5.94 15.88
N VAL A 86 3.64 -6.12 14.55
CA VAL A 86 4.52 -7.10 13.90
C VAL A 86 6.00 -6.77 14.10
N LYS A 87 6.34 -5.48 14.12
CA LYS A 87 7.73 -5.06 14.30
C LYS A 87 8.26 -5.27 15.72
N MET A 88 7.44 -4.95 16.73
CA MET A 88 7.91 -4.92 18.13
CA MET A 88 7.94 -4.93 18.12
C MET A 88 7.64 -6.20 18.94
N ARG A 89 6.68 -7.03 18.51
CA ARG A 89 6.31 -8.23 19.27
C ARG A 89 6.25 -9.50 18.40
N THR A 90 7.34 -9.77 17.66
CA THR A 90 7.30 -10.72 16.54
C THR A 90 6.98 -12.18 16.90
N ASP A 91 7.73 -12.77 17.82
CA ASP A 91 7.53 -14.18 18.18
C ASP A 91 6.16 -14.46 18.80
N GLU A 92 5.72 -13.57 19.69
CA GLU A 92 4.40 -13.65 20.27
C GLU A 92 3.27 -13.56 19.20
N TYR A 93 3.41 -12.66 18.23
CA TYR A 93 2.39 -12.54 17.18
C TYR A 93 2.25 -13.79 16.30
N VAL A 94 3.37 -14.36 15.86
CA VAL A 94 3.34 -15.49 14.93
C VAL A 94 2.67 -16.73 15.55
N GLN A 95 3.08 -17.09 16.77
CA GLN A 95 2.51 -18.25 17.47
C GLN A 95 0.97 -18.16 17.65
N ALA A 96 0.45 -16.96 17.88
CA ALA A 96 -0.97 -16.78 18.12
C ALA A 96 -1.80 -16.82 16.83
N ALA A 97 -1.27 -16.23 15.76
CA ALA A 97 -1.98 -16.20 14.49
C ALA A 97 -2.02 -17.57 13.78
N ARG A 98 -1.02 -18.42 14.04
CA ARG A 98 -0.96 -19.73 13.39
C ARG A 98 -2.15 -20.61 13.76
N GLU A 99 -2.67 -20.42 14.98
CA GLU A 99 -3.79 -21.23 15.49
C GLU A 99 -5.12 -21.04 14.74
N LEU A 100 -5.25 -19.95 13.99
CA LEU A 100 -6.50 -19.71 13.23
C LEU A 100 -6.51 -20.31 11.82
N PHE A 101 -5.38 -20.81 11.35
CA PHE A 101 -5.28 -21.39 10.02
C PHE A 101 -5.34 -22.94 10.05
N VAL A 102 -6.46 -23.48 10.48
CA VAL A 102 -6.66 -24.94 10.55
C VAL A 102 -7.94 -25.33 9.82
N PRO A 103 -8.10 -26.63 9.49
CA PRO A 103 -9.29 -27.08 8.74
C PRO A 103 -10.63 -26.70 9.38
N GLU A 104 -10.71 -26.71 10.72
CA GLU A 104 -11.95 -26.43 11.43
C GLU A 104 -12.56 -25.04 11.19
N THR A 105 -11.72 -24.05 10.83
CA THR A 105 -12.19 -22.68 10.69
C THR A 105 -12.65 -22.28 9.27
N ASN A 106 -12.53 -23.19 8.31
CA ASN A 106 -12.92 -22.91 6.92
C ASN A 106 -14.41 -23.21 6.69
N CYS A 107 -15.26 -22.37 7.26
CA CYS A 107 -16.70 -22.63 7.40
C CYS A 107 -17.44 -21.31 7.64
N ALA A 108 -18.60 -21.14 7.02
CA ALA A 108 -19.30 -19.85 6.97
C ALA A 108 -19.81 -19.37 8.34
N GLU A 109 -20.41 -20.27 9.10
CA GLU A 109 -20.92 -19.93 10.43
C GLU A 109 -19.79 -19.47 11.37
N VAL A 110 -18.63 -20.12 11.30
CA VAL A 110 -17.45 -19.67 12.08
C VAL A 110 -16.88 -18.30 11.61
N TYR A 111 -16.85 -18.07 10.28
CA TYR A 111 -16.34 -16.79 9.72
C TYR A 111 -17.12 -15.56 10.25
N TYR A 112 -18.45 -15.63 10.24
CA TYR A 112 -19.26 -14.48 10.65
C TYR A 112 -19.18 -14.18 12.18
N GLN A 113 -18.89 -15.18 13.02
CA GLN A 113 -18.68 -14.89 14.45
C GLN A 113 -17.32 -14.20 14.72
N PHE A 114 -16.25 -14.62 14.05
CA PHE A 114 -14.95 -13.92 14.17
C PHE A 114 -15.00 -12.46 13.66
N ARG A 115 -15.74 -12.20 12.56
CA ARG A 115 -15.93 -10.82 12.05
C ARG A 115 -16.64 -9.96 13.12
N GLU A 116 -17.62 -10.53 13.81
CA GLU A 116 -18.30 -9.86 14.92
C GLU A 116 -17.39 -9.59 16.13
N GLU A 117 -16.51 -10.54 16.48
CA GLU A 117 -15.56 -10.33 17.59
C GLU A 117 -14.62 -9.15 17.29
N PHE A 118 -14.17 -9.06 16.03
CA PHE A 118 -13.23 -8.01 15.58
C PHE A 118 -13.87 -6.63 15.80
N ASN A 119 -15.06 -6.43 15.23
CA ASN A 119 -15.76 -5.15 15.30
C ASN A 119 -16.12 -4.68 16.72
N LYS A 120 -16.20 -5.60 17.70
CA LYS A 120 -16.55 -5.23 19.08
C LYS A 120 -15.35 -5.06 20.02
N SER A 121 -14.18 -5.58 19.64
CA SER A 121 -13.00 -5.55 20.50
C SER A 121 -12.36 -4.16 20.63
N GLN A 122 -11.73 -3.91 21.76
CA GLN A 122 -10.95 -2.68 21.94
C GLN A 122 -9.51 -2.93 22.37
N ASP A 123 -8.95 -4.08 22.00
CA ASP A 123 -7.55 -4.44 22.28
C ASP A 123 -6.74 -4.54 21.00
N PRO A 124 -5.72 -3.67 20.83
CA PRO A 124 -4.92 -3.62 19.60
C PRO A 124 -4.27 -4.96 19.18
N PHE A 125 -3.76 -5.73 20.14
CA PHE A 125 -3.11 -7.01 19.81
C PHE A 125 -4.15 -8.02 19.26
N ARG A 126 -5.29 -8.19 19.93
CA ARG A 126 -6.33 -9.12 19.42
C ARG A 126 -6.90 -8.70 18.05
N ARG A 127 -7.12 -7.40 17.82
CA ARG A 127 -7.64 -6.92 16.52
C ARG A 127 -6.65 -7.20 15.38
N ALA A 128 -5.34 -7.12 15.68
CA ALA A 128 -4.32 -7.37 14.65
C ALA A 128 -4.27 -8.85 14.21
N VAL A 129 -4.41 -9.75 15.19
CA VAL A 129 -4.43 -11.20 14.93
C VAL A 129 -5.60 -11.56 14.00
N LEU A 130 -6.78 -11.04 14.31
CA LEU A 130 -7.98 -11.34 13.53
C LEU A 130 -8.00 -10.70 12.13
N PHE A 131 -7.33 -9.54 11.99
CA PHE A 131 -7.26 -8.84 10.69
C PHE A 131 -6.66 -9.73 9.58
N LEU A 132 -5.60 -10.48 9.90
CA LEU A 132 -4.95 -11.36 8.92
C LEU A 132 -5.86 -12.55 8.50
N TYR A 133 -6.57 -13.15 9.45
CA TYR A 133 -7.56 -14.21 9.12
C TYR A 133 -8.59 -13.70 8.08
N LEU A 134 -9.14 -12.51 8.31
CA LEU A 134 -10.17 -11.95 7.42
C LEU A 134 -9.65 -11.62 6.00
N ASN A 135 -8.40 -11.18 5.90
CA ASN A 135 -7.77 -10.89 4.58
C ASN A 135 -7.62 -12.14 3.70
N ARG A 136 -7.41 -13.31 4.32
CA ARG A 136 -7.13 -14.56 3.59
C ARG A 136 -8.29 -15.58 3.44
N TYR A 137 -9.40 -15.35 4.14
CA TYR A 137 -10.57 -16.25 4.05
C TYR A 137 -11.80 -15.51 3.44
N GLY A 138 -11.72 -14.19 3.33
CA GLY A 138 -12.82 -13.36 2.82
C GLY A 138 -12.93 -13.23 1.29
N TYR A 139 -14.07 -12.78 0.83
CA TYR A 139 -14.44 -12.70 -0.58
C TYR A 139 -13.50 -11.89 -1.50
N ASN A 140 -12.86 -12.58 -2.44
CA ASN A 140 -11.92 -11.99 -3.42
C ASN A 140 -10.75 -11.20 -2.80
N GLY A 141 -10.48 -11.39 -1.52
CA GLY A 141 -9.53 -10.58 -0.78
C GLY A 141 -9.78 -9.07 -0.62
N LEU A 142 -11.02 -8.66 -0.53
CA LEU A 142 -11.39 -7.22 -0.42
C LEU A 142 -11.20 -6.59 0.95
N CYS A 143 -11.24 -5.25 0.96
CA CYS A 143 -11.28 -4.41 2.17
C CYS A 143 -12.39 -3.35 1.99
N ARG A 144 -13.43 -3.38 2.83
CA ARG A 144 -14.59 -2.47 2.72
C ARG A 144 -15.25 -2.20 4.09
N TYR A 145 -15.70 -0.96 4.34
CA TYR A 145 -16.34 -0.54 5.62
C TYR A 145 -17.67 0.22 5.42
N ASN A 146 -18.51 0.31 6.48
CA ASN A 146 -19.68 1.22 6.45
C ASN A 146 -19.38 2.56 7.15
N LEU A 147 -20.35 3.47 7.15
CA LEU A 147 -20.13 4.83 7.69
C LEU A 147 -19.94 4.87 9.21
N ARG A 148 -20.11 3.74 9.87
CA ARG A 148 -19.89 3.64 11.30
C ARG A 148 -18.52 3.05 11.64
N GLY A 149 -17.80 2.58 10.63
CA GLY A 149 -16.47 2.02 10.86
C GLY A 149 -16.40 0.50 11.10
N GLU A 150 -17.45 -0.21 10.71
CA GLU A 150 -17.49 -1.67 10.82
C GLU A 150 -17.09 -2.34 9.49
N PHE A 151 -16.27 -3.39 9.57
CA PHE A 151 -15.83 -4.18 8.42
C PHE A 151 -16.99 -5.07 7.93
N ASN A 152 -17.35 -5.06 6.64
CA ASN A 152 -18.52 -5.85 6.18
C ASN A 152 -18.41 -6.66 4.87
N VAL A 153 -17.24 -7.20 4.57
CA VAL A 153 -17.02 -8.17 3.47
C VAL A 153 -17.51 -9.60 3.83
N PRO A 154 -18.22 -10.30 2.91
CA PRO A 154 -18.75 -11.66 3.19
C PRO A 154 -17.76 -12.83 2.98
N PHE A 155 -18.21 -14.07 3.27
CA PHE A 155 -17.36 -15.28 3.23
C PHE A 155 -16.86 -15.58 1.81
N GLY A 156 -15.62 -16.09 1.69
CA GLY A 156 -14.99 -16.29 0.38
C GLY A 156 -14.99 -17.68 -0.26
N ARG A 157 -15.03 -18.73 0.56
CA ARG A 157 -15.06 -20.13 0.09
C ARG A 157 -13.88 -20.61 -0.80
N TYR A 158 -12.65 -20.39 -0.39
CA TYR A 158 -11.46 -20.93 -1.04
C TYR A 158 -11.25 -22.41 -0.64
N LYS A 159 -10.37 -23.11 -1.33
CA LYS A 159 -10.14 -24.51 -1.05
C LYS A 159 -9.17 -24.79 0.08
N LYS A 160 -8.00 -24.17 0.04
CA LYS A 160 -6.98 -24.29 1.09
C LYS A 160 -6.06 -23.06 1.23
N PRO A 161 -6.50 -22.10 2.16
CA PRO A 161 -5.63 -20.90 2.25
C PRO A 161 -4.24 -21.08 2.87
N TYR A 162 -3.30 -20.22 2.50
CA TYR A 162 -1.88 -20.33 2.88
C TYR A 162 -1.48 -19.39 4.05
N PHE A 163 -0.71 -19.91 5.01
CA PHE A 163 -0.23 -19.08 6.13
C PHE A 163 1.19 -18.56 5.86
N PRO A 164 1.33 -17.23 5.68
CA PRO A 164 2.57 -16.60 5.23
C PRO A 164 3.68 -16.43 6.28
N GLU A 165 4.25 -17.53 6.78
CA GLU A 165 5.19 -17.43 7.89
C GLU A 165 6.53 -16.83 7.48
N ALA A 166 7.14 -17.35 6.41
CA ALA A 166 8.40 -16.81 5.91
C ALA A 166 8.31 -15.30 5.62
N GLU A 167 7.25 -14.88 4.95
CA GLU A 167 7.07 -13.48 4.58
C GLU A 167 6.92 -12.54 5.79
N LEU A 168 6.36 -13.04 6.89
CA LEU A 168 6.22 -12.23 8.10
C LEU A 168 7.56 -11.94 8.80
N TYR A 169 8.43 -12.93 8.92
CA TYR A 169 9.74 -12.71 9.55
C TYR A 169 10.63 -11.75 8.75
N HIS A 170 10.62 -11.89 7.42
CA HIS A 170 11.40 -10.99 6.55
C HIS A 170 10.91 -9.54 6.65
N PHE A 171 9.60 -9.34 6.83
CA PHE A 171 9.04 -7.99 6.95
C PHE A 171 9.55 -7.34 8.25
N ALA A 172 9.57 -8.11 9.34
CA ALA A 172 10.01 -7.60 10.63
C ALA A 172 11.47 -7.17 10.62
N GLU A 173 12.28 -7.93 9.88
CA GLU A 173 13.72 -7.69 9.80
C GLU A 173 14.05 -6.39 9.08
N LYS A 174 13.41 -6.15 7.93
CA LYS A 174 13.64 -4.92 7.18
C LYS A 174 13.09 -3.68 7.87
N ALA A 175 12.03 -3.85 8.68
CA ALA A 175 11.39 -2.72 9.36
C ALA A 175 12.20 -2.09 10.50
N GLN A 176 13.32 -2.70 10.87
CA GLN A 176 14.15 -2.14 11.95
C GLN A 176 14.70 -0.76 11.57
N ASN A 177 14.71 -0.44 10.28
CA ASN A 177 15.17 0.86 9.81
C ASN A 177 14.07 1.79 9.25
N ALA A 178 12.81 1.63 9.70
CA ALA A 178 11.72 2.51 9.25
C ALA A 178 10.85 3.09 10.37
N PHE A 179 10.24 4.24 10.10
CA PHE A 179 9.16 4.81 10.95
C PHE A 179 7.81 4.81 10.18
N PHE A 180 6.70 4.59 10.90
CA PHE A 180 5.33 4.52 10.35
C PHE A 180 4.37 5.63 10.87
N TYR A 181 3.52 6.21 10.00
CA TYR A 181 2.54 7.23 10.41
C TYR A 181 1.11 7.12 9.76
N CYS A 182 0.06 7.42 10.54
CA CYS A 182 -1.33 7.50 10.01
C CYS A 182 -1.75 8.95 9.73
N GLU A 183 -1.68 9.38 8.47
CA GLU A 183 -1.95 10.78 8.09
C GLU A 183 -2.14 10.89 6.56
N SER A 184 -2.61 12.04 6.08
CA SER A 184 -2.91 12.25 4.65
C SER A 184 -1.70 12.77 3.86
N TYR A 185 -1.77 12.72 2.53
CA TYR A 185 -0.58 12.91 1.66
C TYR A 185 0.10 14.30 1.78
N ALA A 186 -0.64 15.37 2.06
CA ALA A 186 0.00 16.68 2.20
C ALA A 186 0.93 16.75 3.43
N ASP A 187 0.53 16.07 4.50
CA ASP A 187 1.28 16.12 5.76
C ASP A 187 2.54 15.25 5.76
N SER A 188 2.50 14.10 5.08
CA SER A 188 3.67 13.23 5.04
C SER A 188 4.73 13.76 4.07
N MET A 189 4.30 14.36 2.95
CA MET A 189 5.24 14.90 1.96
C MET A 189 6.03 16.09 2.52
N ALA A 190 5.50 16.73 3.57
CA ALA A 190 6.18 17.87 4.20
C ALA A 190 7.30 17.46 5.16
N ARG A 191 7.52 16.16 5.31
CA ARG A 191 8.59 15.65 6.18
C ARG A 191 9.94 15.51 5.43
N ALA A 192 9.88 15.60 4.12
CA ALA A 192 11.05 15.51 3.26
C ALA A 192 12.06 16.65 3.37
N ASP A 193 13.34 16.31 3.31
CA ASP A 193 14.42 17.29 3.29
C ASP A 193 15.41 17.09 2.14
N ASP A 194 16.52 17.81 2.19
CA ASP A 194 17.50 17.86 1.09
CA ASP A 194 17.71 17.80 1.13
C ASP A 194 18.37 16.44 0.74
N SER A 195 18.12 15.43 1.55
CA SER A 195 18.63 14.11 1.25
C SER A 195 17.57 13.04 0.95
N SER A 196 16.37 13.42 0.52
CA SER A 196 15.28 12.45 0.35
C SER A 196 14.89 12.21 -1.12
N VAL A 197 14.13 11.14 -1.34
CA VAL A 197 13.51 10.80 -2.64
C VAL A 197 12.05 10.34 -2.42
N VAL A 198 11.12 10.78 -3.26
CA VAL A 198 9.69 10.49 -3.05
C VAL A 198 8.96 9.73 -4.20
N TYR A 199 8.30 8.62 -3.87
CA TYR A 199 7.49 7.86 -4.86
C TYR A 199 6.00 7.82 -4.47
N CYS A 200 5.13 8.26 -5.38
CA CYS A 200 3.68 8.31 -5.14
C CYS A 200 2.88 7.31 -6.01
N ASP A 201 1.99 6.53 -5.39
CA ASP A 201 1.07 5.61 -6.12
C ASP A 201 -0.40 5.76 -5.69
N PRO A 202 -1.09 6.83 -6.13
CA PRO A 202 -2.47 7.11 -5.69
C PRO A 202 -3.52 6.13 -6.28
N PRO A 203 -4.76 6.13 -5.74
CA PRO A 203 -5.83 5.36 -6.39
C PRO A 203 -6.02 5.76 -7.88
N TYR A 204 -6.38 4.80 -8.75
CA TYR A 204 -6.45 5.02 -10.22
C TYR A 204 -7.41 6.14 -10.67
N ALA A 205 -7.04 6.84 -11.74
CA ALA A 205 -7.95 7.79 -12.38
C ALA A 205 -9.09 7.06 -13.13
N PRO A 206 -10.27 7.71 -13.26
CA PRO A 206 -11.43 7.10 -13.92
C PRO A 206 -11.34 7.04 -15.45
N LEU A 207 -11.95 6.02 -16.05
CA LEU A 207 -11.92 5.86 -17.50
C LEU A 207 -13.21 6.36 -18.18
N SER A 208 -14.16 6.84 -17.36
CA SER A 208 -15.41 7.41 -17.87
C SER A 208 -16.18 8.14 -16.77
N ALA A 209 -17.06 9.05 -17.17
CA ALA A 209 -17.84 9.84 -16.21
C ALA A 209 -18.88 8.99 -15.50
N ASN A 219 -16.83 11.04 -1.60
CA ASN A 219 -16.53 9.69 -1.14
C ASN A 219 -15.05 9.34 -1.32
N SER A 220 -14.69 8.86 -2.51
CA SER A 220 -13.32 8.42 -2.78
C SER A 220 -12.42 9.56 -3.27
N PHE A 221 -11.22 9.20 -3.70
CA PHE A 221 -10.25 10.17 -4.20
C PHE A 221 -10.89 10.99 -5.33
N THR A 222 -11.01 12.28 -5.10
CA THR A 222 -11.68 13.16 -6.05
C THR A 222 -10.77 13.69 -7.17
N LEU A 223 -11.39 14.20 -8.24
CA LEU A 223 -10.65 14.83 -9.33
C LEU A 223 -9.84 16.02 -8.81
N GLU A 224 -10.43 16.76 -7.89
CA GLU A 224 -9.79 17.90 -7.26
C GLU A 224 -8.49 17.49 -6.55
N GLN A 225 -8.52 16.32 -5.89
CA GLN A 225 -7.34 15.81 -5.18
C GLN A 225 -6.23 15.32 -6.14
N GLN A 226 -6.60 14.73 -7.28
CA GLN A 226 -5.59 14.24 -8.24
C GLN A 226 -4.74 15.42 -8.74
N ALA A 227 -5.36 16.56 -8.97
CA ALA A 227 -4.66 17.75 -9.49
C ALA A 227 -3.79 18.44 -8.43
N HIS A 228 -4.26 18.48 -7.18
CA HIS A 228 -3.50 19.10 -6.08
C HIS A 228 -2.19 18.36 -5.80
N LEU A 229 -2.21 17.03 -5.94
CA LEU A 229 -0.98 16.22 -5.77
C LEU A 229 0.13 16.65 -6.74
N ALA A 230 -0.24 16.87 -8.01
CA ALA A 230 0.74 17.33 -9.01
C ALA A 230 1.32 18.70 -8.67
N GLU A 231 0.51 19.56 -8.06
CA GLU A 231 0.95 20.89 -7.66
C GLU A 231 2.02 20.84 -6.55
N ILE A 232 1.84 19.95 -5.58
CA ILE A 232 2.82 19.77 -4.51
C ILE A 232 4.17 19.28 -5.05
N ALA A 233 4.13 18.34 -6.01
CA ALA A 233 5.37 17.84 -6.62
C ALA A 233 6.18 18.96 -7.30
N GLU A 234 5.50 19.86 -8.01
CA GLU A 234 6.20 20.95 -8.70
C GLU A 234 6.91 21.89 -7.72
N GLY A 235 6.42 21.97 -6.49
CA GLY A 235 7.03 22.80 -5.47
C GLY A 235 8.25 22.17 -4.80
N LEU A 236 8.26 20.85 -4.70
CA LEU A 236 9.38 20.13 -4.13
C LEU A 236 10.62 20.18 -5.05
N VAL A 237 10.38 20.02 -6.35
CA VAL A 237 11.47 19.94 -7.32
C VAL A 237 12.21 21.29 -7.44
N GLU A 238 11.55 22.39 -7.08
CA GLU A 238 12.19 23.69 -7.04
C GLU A 238 13.26 23.73 -5.95
N ARG A 239 13.05 22.93 -4.91
CA ARG A 239 13.95 22.86 -3.76
C ARG A 239 14.99 21.76 -3.91
N HIS A 240 15.22 21.32 -5.15
CA HIS A 240 16.14 20.23 -5.47
C HIS A 240 15.80 18.92 -4.75
N ILE A 241 14.50 18.62 -4.65
CA ILE A 241 14.03 17.32 -4.14
C ILE A 241 13.24 16.59 -5.22
N PRO A 242 13.77 15.46 -5.72
CA PRO A 242 13.22 14.68 -6.85
C PRO A 242 12.02 13.79 -6.50
N VAL A 243 11.13 13.56 -7.48
CA VAL A 243 9.84 12.87 -7.29
C VAL A 243 9.43 11.98 -8.49
N LEU A 244 8.89 10.78 -8.22
CA LEU A 244 8.35 9.90 -9.27
C LEU A 244 6.90 9.44 -9.01
N ILE A 245 6.04 9.50 -10.04
CA ILE A 245 4.60 9.16 -9.90
C ILE A 245 4.11 8.10 -10.91
N SER A 246 3.12 7.28 -10.56
CA SER A 246 2.47 6.32 -11.49
C SER A 246 0.92 6.33 -11.53
N ASN A 247 0.33 6.03 -12.68
CA ASN A 247 -1.13 6.03 -12.95
C ASN A 247 -1.47 5.40 -14.35
N HIS A 248 -2.72 5.35 -14.75
CA HIS A 248 -3.12 4.91 -16.11
C HIS A 248 -2.70 6.00 -17.13
N ASP A 249 -2.51 5.65 -18.40
CA ASP A 249 -2.24 6.62 -19.48
C ASP A 249 -3.54 7.06 -20.17
N THR A 250 -4.01 8.27 -19.83
CA THR A 250 -5.23 8.86 -20.42
C THR A 250 -5.02 10.32 -20.82
N MET A 251 -6.06 10.96 -21.35
CA MET A 251 -6.00 12.38 -21.71
C MET A 251 -5.86 13.28 -20.47
N LEU A 252 -6.51 12.89 -19.38
CA LEU A 252 -6.48 13.70 -18.15
C LEU A 252 -5.12 13.68 -17.47
N THR A 253 -4.51 12.51 -17.38
CA THR A 253 -3.23 12.37 -16.67
C THR A 253 -2.08 13.06 -17.40
N ARG A 254 -2.11 13.04 -18.73
CA ARG A 254 -1.11 13.74 -19.52
C ARG A 254 -1.15 15.25 -19.31
N GLU A 255 -2.32 15.77 -18.93
CA GLU A 255 -2.48 17.20 -18.66
C GLU A 255 -2.05 17.58 -17.24
N TRP A 256 -2.36 16.74 -16.27
CA TRP A 256 -1.96 16.99 -14.88
C TRP A 256 -0.44 16.99 -14.73
N TYR A 257 0.21 16.07 -15.45
CA TYR A 257 1.64 15.86 -15.35
C TYR A 257 2.43 16.48 -16.51
N GLN A 258 2.01 17.63 -17.00
CA GLN A 258 2.63 18.19 -18.20
C GLN A 258 4.08 18.67 -17.99
N ARG A 259 4.43 19.09 -16.79
CA ARG A 259 5.76 19.64 -16.53
C ARG A 259 6.85 18.58 -16.23
N ALA A 260 6.50 17.31 -16.41
CA ALA A 260 7.44 16.21 -16.15
C ALA A 260 7.86 15.51 -17.45
N LYS A 261 8.81 14.59 -17.36
CA LYS A 261 9.18 13.75 -18.49
C LYS A 261 8.43 12.42 -18.40
N LEU A 262 7.88 11.96 -19.53
CA LEU A 262 6.89 10.87 -19.51
C LEU A 262 7.34 9.60 -20.25
N HIS A 263 7.07 8.44 -19.65
CA HIS A 263 7.42 7.14 -20.23
C HIS A 263 6.21 6.19 -20.31
N VAL A 264 5.94 5.65 -21.50
CA VAL A 264 4.80 4.76 -21.71
C VAL A 264 5.15 3.28 -21.48
N VAL A 265 4.35 2.60 -20.66
CA VAL A 265 4.56 1.17 -20.40
C VAL A 265 3.45 0.33 -21.01
N LYS A 266 3.78 -0.44 -22.05
CA LYS A 266 2.78 -1.25 -22.74
C LYS A 266 2.30 -2.43 -21.90
N VAL A 267 0.99 -2.51 -21.70
CA VAL A 267 0.38 -3.61 -20.97
C VAL A 267 -0.77 -4.21 -21.79
N ARG A 268 -1.58 -3.32 -22.37
CA ARG A 268 -2.71 -3.71 -23.22
C ARG A 268 -3.69 -4.66 -22.52
N ARG A 269 -4.14 -4.28 -21.33
CA ARG A 269 -5.12 -5.07 -20.59
C ARG A 269 -6.53 -4.85 -21.15
N SER A 270 -7.24 -5.96 -21.40
CA SER A 270 -8.59 -5.86 -21.96
C SER A 270 -9.62 -5.33 -20.96
N ILE A 271 -10.61 -4.62 -21.48
CA ILE A 271 -11.69 -4.03 -20.68
C ILE A 271 -11.16 -3.15 -19.56
N ARG A 278 -15.00 -3.16 -24.66
CA ARG A 278 -13.66 -3.66 -24.38
C ARG A 278 -12.60 -2.88 -25.16
N LYS A 279 -11.55 -2.46 -24.46
CA LYS A 279 -10.39 -1.81 -25.04
C LYS A 279 -9.16 -1.98 -24.20
N LYS A 280 -8.02 -1.79 -24.84
CA LYS A 280 -6.73 -1.84 -24.21
C LYS A 280 -6.33 -0.52 -23.55
N VAL A 281 -5.76 -0.60 -22.34
CA VAL A 281 -5.15 0.55 -21.65
C VAL A 281 -3.72 0.28 -21.21
N ASP A 282 -2.81 1.18 -21.55
CA ASP A 282 -1.44 1.15 -21.06
C ASP A 282 -1.21 1.93 -19.73
N GLU A 283 -0.02 1.80 -19.12
CA GLU A 283 0.32 2.54 -17.90
C GLU A 283 1.31 3.67 -18.19
N LEU A 284 1.53 4.53 -17.19
CA LEU A 284 2.37 5.72 -17.35
C LEU A 284 3.23 6.04 -16.11
N LEU A 285 4.45 6.53 -16.37
CA LEU A 285 5.37 7.01 -15.33
C LEU A 285 5.80 8.45 -15.60
N ALA A 286 5.77 9.30 -14.57
CA ALA A 286 6.19 10.70 -14.71
C ALA A 286 7.33 11.08 -13.74
N LEU A 287 8.40 11.69 -14.26
CA LEU A 287 9.58 11.99 -13.46
C LEU A 287 9.93 13.49 -13.39
N TYR A 288 9.91 14.05 -12.18
CA TYR A 288 10.33 15.44 -11.94
C TYR A 288 11.78 15.50 -11.46
N LYS A 289 12.69 16.00 -12.30
CA LYS A 289 14.11 16.08 -11.93
C LYS A 289 14.63 17.52 -11.98
N PRO A 290 15.39 17.91 -10.95
CA PRO A 290 15.91 19.28 -10.81
C PRO A 290 17.16 19.55 -11.64
N GLY A 291 17.63 20.79 -11.62
CA GLY A 291 18.80 21.18 -12.39
C GLY A 291 20.04 21.41 -11.53
#